data_2ZYN
#
_entry.id   2ZYN
#
_cell.length_a   82.399
_cell.length_b   46.545
_cell.length_c   85.372
_cell.angle_alpha   90.00
_cell.angle_beta   94.14
_cell.angle_gamma   90.00
#
_symmetry.space_group_name_H-M   'C 1 2 1'
#
loop_
_entity.id
_entity.type
_entity.pdbx_description
1 polymer 'Solute-binding protein'
2 branched Cycloheptakis-(1-4)-(alpha-D-glucopyranose)
3 water water
#
_entity_poly.entity_id   1
_entity_poly.type   'polypeptide(L)'
_entity_poly.pdbx_seq_one_letter_code
;CGPKRDPYAKAGKSEGKPDKLVVWENADDGVQLNNTKKWAGEFTKKTGIQVEVVPVALLKQQEKLTLDGPAGKGADLVTW
PHDRLGEAVTKGLLQPIQVDNSVKNQFDDVAMKALTYGGKLYGLPKAIESVALIYNKKLMGQVPATYDELFQYAKANNKP
DEQKYGVLFEANNFYYTYFLFAAKGAAVFKEQDGTLDPNEIGLNSPEAVQGMNEVQKWFTEARLPQSLKADTVNGLFKSG
KVAAVINGPWAIKDYQAAGINVGVAPLPKIDGKDAQTFIGVKGWYLSAYSKYPKYATELMQFLTSKEALASRFKETGEIP
PQKELLNDPMIKNNPVVNGFAKQASKGVPMPSIPEMGVVWEPINNAHTFVAQGKQTPEQALNDAVKIMKEKIQTMKQ
;
_entity_poly.pdbx_strand_id   A
#
# COMPACT_ATOMS: atom_id res chain seq x y z
N GLU A 15 43.63 8.11 1.28
CA GLU A 15 43.38 7.54 2.63
C GLU A 15 41.92 7.74 3.04
N GLY A 16 41.23 6.62 3.31
CA GLY A 16 39.82 6.64 3.64
C GLY A 16 38.95 6.54 2.40
N LYS A 17 38.73 5.30 1.94
CA LYS A 17 37.95 5.04 0.73
C LYS A 17 36.88 3.94 0.88
N PRO A 18 36.12 3.95 2.00
CA PRO A 18 35.10 2.92 2.11
C PRO A 18 33.79 3.38 1.46
N ASP A 19 33.77 3.44 0.13
CA ASP A 19 32.58 3.82 -0.63
C ASP A 19 31.49 2.78 -0.46
N LYS A 20 30.59 3.05 0.49
CA LYS A 20 29.53 2.12 0.85
C LYS A 20 28.18 2.81 0.93
N LEU A 21 27.19 2.26 0.23
CA LEU A 21 25.83 2.77 0.26
C LEU A 21 24.94 1.87 1.11
N VAL A 22 23.93 2.47 1.74
CA VAL A 22 22.98 1.74 2.58
C VAL A 22 21.57 1.86 2.01
N VAL A 23 20.89 0.73 1.90
CA VAL A 23 19.53 0.68 1.37
C VAL A 23 18.62 0.03 2.41
N TRP A 24 17.50 0.68 2.73
CA TRP A 24 16.49 0.03 3.59
C TRP A 24 15.38 -0.56 2.73
N GLU A 25 15.26 -1.89 2.78
CA GLU A 25 14.18 -2.59 2.10
C GLU A 25 13.23 -3.20 3.13
N ASN A 26 11.96 -3.34 2.74
CA ASN A 26 10.94 -3.93 3.60
C ASN A 26 11.39 -5.23 4.25
N ALA A 27 11.23 -5.31 5.57
CA ALA A 27 11.63 -6.47 6.34
C ALA A 27 10.58 -7.59 6.25
N ASP A 28 10.43 -8.14 5.04
CA ASP A 28 9.51 -9.25 4.80
C ASP A 28 10.16 -10.61 5.04
N ASP A 29 11.41 -10.61 5.52
CA ASP A 29 12.18 -11.85 5.73
C ASP A 29 11.97 -12.80 4.55
N GLY A 30 12.05 -12.25 3.35
CA GLY A 30 11.63 -13.01 2.18
C GLY A 30 11.92 -12.36 0.85
N VAL A 31 10.95 -12.46 -0.05
CA VAL A 31 11.16 -12.20 -1.47
C VAL A 31 11.55 -10.77 -1.84
N GLN A 32 10.98 -9.80 -1.13
CA GLN A 32 11.28 -8.38 -1.38
C GLN A 32 12.69 -8.04 -0.91
N LEU A 33 13.04 -8.52 0.27
CA LEU A 33 14.38 -8.31 0.81
C LEU A 33 15.43 -8.98 -0.07
N ASN A 34 15.20 -10.24 -0.44
CA ASN A 34 16.17 -10.98 -1.24
C ASN A 34 16.39 -10.37 -2.62
N ASN A 35 15.31 -9.96 -3.28
CA ASN A 35 15.42 -9.40 -4.62
C ASN A 35 16.27 -8.13 -4.67
N THR A 36 16.11 -7.30 -3.64
CA THR A 36 16.92 -6.08 -3.54
C THR A 36 18.37 -6.41 -3.18
N LYS A 37 18.56 -7.39 -2.30
CA LYS A 37 19.90 -7.92 -2.02
C LYS A 37 20.59 -8.42 -3.30
N LYS A 38 19.81 -9.11 -4.14
CA LYS A 38 20.27 -9.60 -5.44
C LYS A 38 20.84 -8.46 -6.29
N TRP A 39 20.01 -7.45 -6.51
CA TRP A 39 20.33 -6.41 -7.49
C TRP A 39 21.32 -5.39 -6.98
N ALA A 40 21.33 -5.16 -5.67
CA ALA A 40 22.34 -4.33 -5.05
C ALA A 40 23.73 -4.96 -5.18
N GLY A 41 23.77 -6.30 -5.09
CA GLY A 41 24.99 -7.05 -5.26
C GLY A 41 25.51 -6.97 -6.69
N GLU A 42 24.58 -6.96 -7.65
CA GLU A 42 24.93 -6.79 -9.06
C GLU A 42 25.45 -5.38 -9.33
N PHE A 43 24.94 -4.39 -8.59
CA PHE A 43 25.45 -3.03 -8.68
C PHE A 43 26.88 -2.96 -8.12
N THR A 44 27.13 -3.68 -7.04
CA THR A 44 28.47 -3.77 -6.45
C THR A 44 29.46 -4.42 -7.40
N LYS A 45 29.02 -5.50 -8.07
CA LYS A 45 29.83 -6.20 -9.05
C LYS A 45 30.20 -5.29 -10.23
N LYS A 46 29.27 -4.41 -10.60
CA LYS A 46 29.44 -3.51 -11.74
C LYS A 46 30.31 -2.29 -11.43
N THR A 47 30.07 -1.65 -10.28
CA THR A 47 30.69 -0.36 -9.97
C THR A 47 31.80 -0.43 -8.92
N GLY A 48 31.81 -1.49 -8.12
CA GLY A 48 32.78 -1.64 -7.03
C GLY A 48 32.28 -1.06 -5.72
N ILE A 49 31.18 -0.30 -5.79
CA ILE A 49 30.59 0.33 -4.61
C ILE A 49 29.85 -0.71 -3.77
N GLN A 50 30.31 -0.88 -2.53
CA GLN A 50 29.67 -1.77 -1.57
C GLN A 50 28.27 -1.26 -1.25
N VAL A 51 27.28 -2.16 -1.33
CA VAL A 51 25.90 -1.81 -0.97
C VAL A 51 25.37 -2.77 0.07
N GLU A 52 24.90 -2.21 1.19
CA GLU A 52 24.31 -2.99 2.26
C GLU A 52 22.79 -2.81 2.28
N VAL A 53 22.07 -3.90 2.05
CA VAL A 53 20.61 -3.89 2.07
C VAL A 53 20.12 -4.38 3.44
N VAL A 54 19.53 -3.46 4.19
CA VAL A 54 19.09 -3.72 5.57
C VAL A 54 17.56 -3.78 5.65
N PRO A 55 17.01 -4.86 6.25
CA PRO A 55 15.57 -4.96 6.40
C PRO A 55 15.02 -4.05 7.49
N VAL A 56 14.12 -3.16 7.08
CA VAL A 56 13.36 -2.30 7.99
C VAL A 56 11.91 -2.31 7.50
N ALA A 57 10.97 -2.64 8.39
CA ALA A 57 9.55 -2.69 8.05
C ALA A 57 9.09 -1.49 7.24
N LEU A 58 8.35 -1.77 6.17
CA LEU A 58 7.85 -0.73 5.25
C LEU A 58 7.25 0.49 5.98
N LEU A 59 6.36 0.21 6.93
CA LEU A 59 5.67 1.25 7.69
C LEU A 59 6.46 1.85 8.88
N LYS A 60 7.68 1.36 9.11
CA LYS A 60 8.53 1.90 10.16
C LYS A 60 9.66 2.76 9.59
N GLN A 61 9.90 2.65 8.28
CA GLN A 61 11.03 3.33 7.64
C GLN A 61 11.02 4.85 7.75
N GLN A 62 9.86 5.47 7.55
CA GLN A 62 9.76 6.94 7.60
C GLN A 62 10.04 7.45 9.00
N GLU A 63 9.49 6.78 10.00
CA GLU A 63 9.71 7.13 11.40
C GLU A 63 11.18 6.93 11.81
N LYS A 64 11.79 5.85 11.32
CA LYS A 64 13.18 5.54 11.62
C LYS A 64 14.15 6.56 10.99
N LEU A 65 13.87 6.96 9.75
CA LEU A 65 14.69 7.97 9.07
C LEU A 65 14.58 9.34 9.73
N THR A 66 13.40 9.65 10.25
CA THR A 66 13.17 10.89 10.99
C THR A 66 14.13 11.02 12.18
N LEU A 67 14.42 9.90 12.82
CA LEU A 67 15.35 9.87 13.95
C LEU A 67 16.80 9.70 13.51
N ASP A 68 17.06 8.70 12.67
CA ASP A 68 18.42 8.31 12.32
C ASP A 68 19.07 9.20 11.26
N GLY A 69 18.26 9.69 10.31
CA GLY A 69 18.74 10.55 9.23
C GLY A 69 19.56 11.75 9.69
N PRO A 70 18.94 12.70 10.43
CA PRO A 70 19.68 13.85 10.95
C PRO A 70 20.86 13.48 11.84
N ALA A 71 20.82 12.29 12.43
CA ALA A 71 21.91 11.77 13.27
C ALA A 71 23.06 11.17 12.46
N GLY A 72 22.86 11.06 11.14
CA GLY A 72 23.89 10.53 10.23
C GLY A 72 23.93 9.02 10.12
N LYS A 73 22.88 8.37 10.60
CA LYS A 73 22.82 6.91 10.64
C LYS A 73 21.68 6.33 9.79
N GLY A 74 21.06 7.19 8.99
CA GLY A 74 19.99 6.76 8.08
C GLY A 74 20.55 6.18 6.79
N ALA A 75 19.70 5.45 6.07
CA ALA A 75 20.08 4.88 4.78
C ALA A 75 20.13 5.94 3.69
N ASP A 76 20.79 5.62 2.59
CA ASP A 76 20.82 6.48 1.42
C ASP A 76 19.50 6.36 0.64
N LEU A 77 19.10 5.11 0.40
CA LEU A 77 17.83 4.81 -0.26
C LEU A 77 16.85 4.17 0.72
N VAL A 78 15.62 4.65 0.70
CA VAL A 78 14.54 4.18 1.56
C VAL A 78 13.30 3.92 0.71
N THR A 79 12.30 3.26 1.29
CA THR A 79 11.06 2.96 0.57
C THR A 79 9.82 2.95 1.47
N TRP A 80 8.74 3.53 0.97
CA TRP A 80 7.41 3.45 1.58
C TRP A 80 6.34 3.87 0.58
N PRO A 81 5.07 3.45 0.82
CA PRO A 81 3.99 3.88 -0.08
C PRO A 81 3.86 5.40 -0.16
N HIS A 82 3.45 5.90 -1.32
CA HIS A 82 3.52 7.32 -1.66
C HIS A 82 2.61 8.24 -0.84
N ASP A 83 1.66 7.69 -0.10
CA ASP A 83 0.69 8.53 0.63
C ASP A 83 1.36 9.52 1.58
N ARG A 84 2.49 9.12 2.16
CA ARG A 84 3.20 9.96 3.11
C ARG A 84 4.37 10.74 2.51
N LEU A 85 4.36 10.89 1.19
CA LEU A 85 5.41 11.64 0.50
C LEU A 85 5.42 13.13 0.87
N GLY A 86 4.26 13.78 0.74
CA GLY A 86 4.11 15.19 1.09
C GLY A 86 4.57 15.47 2.51
N GLU A 87 4.17 14.60 3.43
CA GLU A 87 4.64 14.68 4.82
C GLU A 87 6.16 14.60 4.88
N ALA A 88 6.73 13.60 4.22
CA ALA A 88 8.18 13.37 4.22
C ALA A 88 8.93 14.54 3.60
N VAL A 89 8.37 15.10 2.54
CA VAL A 89 9.01 16.21 1.82
C VAL A 89 8.97 17.50 2.66
N THR A 90 7.83 17.74 3.32
CA THR A 90 7.63 18.92 4.17
C THR A 90 8.51 18.89 5.43
N LYS A 91 8.74 17.69 5.96
CA LYS A 91 9.64 17.47 7.09
C LYS A 91 11.11 17.48 6.68
N GLY A 92 11.37 17.55 5.38
CA GLY A 92 12.73 17.58 4.86
C GLY A 92 13.48 16.26 4.93
N LEU A 93 12.72 15.16 4.88
CA LEU A 93 13.30 13.82 4.94
C LEU A 93 13.91 13.38 3.61
N LEU A 94 13.35 13.91 2.52
CA LEU A 94 13.74 13.47 1.17
C LEU A 94 14.18 14.62 0.29
N GLN A 95 15.00 14.29 -0.72
CA GLN A 95 15.44 15.26 -1.71
C GLN A 95 15.06 14.84 -3.14
N PRO A 96 14.69 15.81 -3.99
CA PRO A 96 14.35 15.47 -5.38
C PRO A 96 15.51 14.83 -6.13
N ILE A 97 15.21 13.89 -7.00
CA ILE A 97 16.24 13.08 -7.68
C ILE A 97 16.60 13.63 -9.06
N GLN A 98 17.89 13.57 -9.37
CA GLN A 98 18.41 14.06 -10.64
C GLN A 98 18.50 12.90 -11.63
N VAL A 99 17.47 12.75 -12.45
CA VAL A 99 17.43 11.71 -13.49
C VAL A 99 17.03 12.28 -14.85
N ASP A 100 17.51 11.61 -15.90
CA ASP A 100 17.23 12.01 -17.28
C ASP A 100 15.77 11.85 -17.66
N ASN A 101 15.34 12.61 -18.68
CA ASN A 101 13.99 12.50 -19.20
C ASN A 101 13.68 11.08 -19.69
N SER A 102 14.68 10.43 -20.28
CA SER A 102 14.54 9.07 -20.79
C SER A 102 14.29 8.05 -19.68
N VAL A 103 14.86 8.31 -18.51
CA VAL A 103 14.65 7.46 -17.32
C VAL A 103 13.20 7.56 -16.84
N LYS A 104 12.71 8.79 -16.70
CA LYS A 104 11.32 9.07 -16.32
C LYS A 104 10.33 8.44 -17.31
N ASN A 105 10.62 8.56 -18.61
CA ASN A 105 9.77 8.05 -19.68
C ASN A 105 9.57 6.55 -19.69
N GLN A 106 10.38 5.82 -18.92
CA GLN A 106 10.28 4.37 -18.84
C GLN A 106 9.13 3.91 -17.94
N PHE A 107 8.58 4.84 -17.16
CA PHE A 107 7.59 4.51 -16.14
C PHE A 107 6.21 5.09 -16.43
N ASP A 108 5.20 4.44 -15.88
CA ASP A 108 3.81 4.84 -16.01
C ASP A 108 3.60 6.22 -15.38
N ASP A 109 2.80 7.06 -16.06
CA ASP A 109 2.55 8.45 -15.63
C ASP A 109 1.84 8.55 -14.28
N VAL A 110 0.93 7.62 -13.99
CA VAL A 110 0.23 7.62 -12.69
C VAL A 110 1.23 7.39 -11.56
N ALA A 111 2.15 6.47 -11.79
CA ALA A 111 3.17 6.12 -10.79
C ALA A 111 4.17 7.25 -10.56
N MET A 112 4.60 7.92 -11.64
CA MET A 112 5.51 9.06 -11.54
C MET A 112 4.85 10.25 -10.85
N LYS A 113 3.58 10.47 -11.16
CA LYS A 113 2.77 11.53 -10.54
C LYS A 113 2.67 11.32 -9.03
N ALA A 114 2.46 10.07 -8.62
CA ALA A 114 2.35 9.72 -7.20
C ALA A 114 3.66 9.99 -6.45
N LEU A 115 4.78 9.94 -7.16
CA LEU A 115 6.10 10.16 -6.56
C LEU A 115 6.61 11.59 -6.78
N THR A 116 5.72 12.44 -7.26
CA THR A 116 6.00 13.86 -7.48
C THR A 116 5.22 14.70 -6.47
N TYR A 117 5.90 15.65 -5.83
CA TYR A 117 5.24 16.59 -4.92
C TYR A 117 5.81 18.00 -5.10
N GLY A 118 4.91 18.99 -5.19
CA GLY A 118 5.31 20.39 -5.41
C GLY A 118 6.08 20.62 -6.70
N GLY A 119 5.83 19.80 -7.71
CA GLY A 119 6.51 19.87 -9.00
C GLY A 119 7.85 19.16 -9.06
N LYS A 120 8.22 18.49 -7.97
CA LYS A 120 9.53 17.83 -7.88
C LYS A 120 9.39 16.31 -7.77
N LEU A 121 10.26 15.60 -8.48
CA LEU A 121 10.24 14.13 -8.46
C LEU A 121 11.10 13.62 -7.33
N TYR A 122 10.53 12.74 -6.51
CA TYR A 122 11.23 12.26 -5.31
C TYR A 122 11.64 10.79 -5.34
N GLY A 123 11.24 10.08 -6.40
CA GLY A 123 11.62 8.68 -6.51
C GLY A 123 11.36 8.03 -7.85
N LEU A 124 11.87 6.80 -7.98
CA LEU A 124 11.58 5.92 -9.10
C LEU A 124 10.74 4.75 -8.56
N PRO A 125 9.64 4.41 -9.26
CA PRO A 125 8.69 3.40 -8.75
C PRO A 125 9.17 1.96 -8.88
N LYS A 126 8.79 1.14 -7.89
CA LYS A 126 9.09 -0.29 -7.85
C LYS A 126 7.83 -1.12 -8.06
N ALA A 127 6.71 -0.61 -7.54
CA ALA A 127 5.44 -1.33 -7.51
C ALA A 127 4.24 -0.41 -7.52
N ILE A 128 3.21 -0.82 -8.24
CA ILE A 128 1.91 -0.17 -8.21
C ILE A 128 0.89 -1.23 -7.79
N GLU A 129 -0.03 -0.85 -6.90
CA GLU A 129 -0.84 -1.87 -6.22
C GLU A 129 -2.24 -1.41 -5.80
N SER A 130 -3.17 -2.36 -5.81
CA SER A 130 -4.47 -2.21 -5.19
C SER A 130 -4.85 -3.55 -4.59
N VAL A 131 -5.63 -3.53 -3.51
CA VAL A 131 -6.22 -4.77 -3.01
C VAL A 131 -7.27 -5.27 -4.00
N ALA A 132 -7.48 -6.58 -4.01
CA ALA A 132 -8.57 -7.18 -4.77
C ALA A 132 -9.09 -8.36 -3.98
N LEU A 133 -10.02 -9.10 -4.57
CA LEU A 133 -10.55 -10.32 -3.95
C LEU A 133 -9.64 -11.48 -4.32
N ILE A 134 -8.93 -12.00 -3.32
CA ILE A 134 -8.09 -13.17 -3.51
C ILE A 134 -8.82 -14.35 -2.90
N TYR A 135 -9.10 -15.36 -3.71
CA TYR A 135 -9.87 -16.50 -3.25
C TYR A 135 -9.16 -17.83 -3.45
N ASN A 136 -9.47 -18.77 -2.55
CA ASN A 136 -9.05 -20.15 -2.65
C ASN A 136 -9.97 -20.86 -3.65
N LYS A 137 -9.40 -21.29 -4.78
CA LYS A 137 -10.18 -21.91 -5.87
C LYS A 137 -10.76 -23.27 -5.50
N LYS A 138 -10.19 -23.90 -4.47
CA LYS A 138 -10.67 -25.17 -3.96
C LYS A 138 -11.91 -25.00 -3.07
N LEU A 139 -12.08 -23.78 -2.54
CA LEU A 139 -13.23 -23.47 -1.70
C LEU A 139 -14.29 -22.64 -2.42
N MET A 140 -13.83 -21.72 -3.28
CA MET A 140 -14.71 -20.83 -4.03
C MET A 140 -14.50 -20.97 -5.53
N GLY A 141 -15.46 -21.61 -6.19
CA GLY A 141 -15.40 -21.83 -7.64
C GLY A 141 -15.75 -20.59 -8.43
N GLN A 142 -16.81 -19.90 -8.01
CA GLN A 142 -17.22 -18.66 -8.66
C GLN A 142 -17.34 -17.52 -7.63
N VAL A 143 -16.81 -16.35 -8.00
CA VAL A 143 -16.92 -15.16 -7.16
C VAL A 143 -18.33 -14.59 -7.18
N PRO A 144 -18.82 -14.13 -6.01
CA PRO A 144 -20.11 -13.42 -5.95
C PRO A 144 -20.17 -12.23 -6.90
N ALA A 145 -21.33 -12.03 -7.52
CA ALA A 145 -21.50 -10.99 -8.53
C ALA A 145 -21.59 -9.58 -7.95
N THR A 146 -22.10 -9.48 -6.72
CA THR A 146 -22.25 -8.19 -6.04
C THR A 146 -21.71 -8.22 -4.62
N TYR A 147 -21.55 -7.04 -4.03
CA TYR A 147 -21.08 -6.90 -2.66
C TYR A 147 -22.07 -7.48 -1.64
N ASP A 148 -23.36 -7.27 -1.88
CA ASP A 148 -24.42 -7.83 -1.03
C ASP A 148 -24.35 -9.36 -1.00
N GLU A 149 -24.01 -9.96 -2.13
CA GLU A 149 -23.87 -11.40 -2.25
C GLU A 149 -22.60 -11.89 -1.54
N LEU A 150 -21.52 -11.11 -1.63
CA LEU A 150 -20.28 -11.39 -0.91
C LEU A 150 -20.53 -11.33 0.60
N PHE A 151 -21.27 -10.31 1.02
CA PHE A 151 -21.56 -10.10 2.44
C PHE A 151 -22.47 -11.17 3.02
N GLN A 152 -23.43 -11.66 2.23
CA GLN A 152 -24.30 -12.75 2.66
C GLN A 152 -23.53 -14.07 2.73
N TYR A 153 -22.66 -14.30 1.75
CA TYR A 153 -21.74 -15.43 1.76
C TYR A 153 -20.88 -15.41 3.01
N ALA A 154 -20.41 -14.21 3.38
CA ALA A 154 -19.62 -14.02 4.59
C ALA A 154 -20.43 -14.38 5.83
N LYS A 155 -21.66 -13.85 5.90
CA LYS A 155 -22.56 -14.08 7.04
C LYS A 155 -22.92 -15.56 7.18
N ALA A 156 -23.13 -16.24 6.06
CA ALA A 156 -23.51 -17.65 6.05
C ALA A 156 -22.35 -18.59 6.35
N ASN A 157 -21.11 -18.13 6.14
CA ASN A 157 -19.95 -19.02 6.20
C ASN A 157 -18.85 -18.67 7.22
N ASN A 158 -18.91 -17.47 7.80
CA ASN A 158 -17.97 -17.09 8.84
C ASN A 158 -18.31 -17.69 10.19
N LYS A 159 -17.59 -18.76 10.55
CA LYS A 159 -17.78 -19.45 11.82
C LYS A 159 -16.52 -19.36 12.68
N PRO A 160 -16.39 -18.29 13.49
CA PRO A 160 -15.20 -18.05 14.31
C PRO A 160 -15.03 -19.08 15.43
N ASP A 161 -16.04 -19.91 15.63
CA ASP A 161 -16.01 -21.00 16.62
C ASP A 161 -15.31 -22.25 16.08
N GLU A 162 -14.76 -22.15 14.88
CA GLU A 162 -14.00 -23.25 14.27
C GLU A 162 -12.88 -22.76 13.34
N GLN A 163 -12.60 -21.45 13.42
CA GLN A 163 -11.56 -20.80 12.61
C GLN A 163 -11.83 -20.78 11.10
N LYS A 164 -13.04 -21.22 10.71
CA LYS A 164 -13.45 -21.23 9.30
C LYS A 164 -14.16 -19.93 8.93
N TYR A 165 -13.84 -19.41 7.75
CA TYR A 165 -14.42 -18.16 7.26
C TYR A 165 -14.70 -18.22 5.77
N GLY A 166 -15.78 -17.54 5.36
CA GLY A 166 -16.08 -17.37 3.94
C GLY A 166 -15.34 -16.17 3.38
N VAL A 167 -15.42 -15.05 4.09
CA VAL A 167 -14.71 -13.83 3.71
C VAL A 167 -14.05 -13.24 4.95
N LEU A 168 -12.74 -13.00 4.85
CA LEU A 168 -11.97 -12.41 5.94
C LEU A 168 -11.01 -11.36 5.41
N PHE A 169 -10.96 -10.21 6.06
CA PHE A 169 -9.99 -9.16 5.71
C PHE A 169 -9.83 -8.17 6.86
N GLU A 170 -8.84 -7.29 6.73
CA GLU A 170 -8.55 -6.29 7.75
C GLU A 170 -9.59 -5.18 7.78
N ALA A 171 -10.77 -5.48 8.31
CA ALA A 171 -11.89 -4.54 8.34
C ALA A 171 -11.72 -3.44 9.39
N ASN A 172 -10.70 -3.56 10.23
CA ASN A 172 -10.34 -2.54 11.21
C ASN A 172 -9.28 -1.57 10.66
N ASN A 173 -9.05 -1.64 9.35
CA ASN A 173 -8.01 -0.86 8.67
C ASN A 173 -8.59 -0.06 7.51
N PHE A 174 -8.50 1.26 7.60
CA PHE A 174 -9.08 2.17 6.60
C PHE A 174 -8.50 1.95 5.20
N TYR A 175 -7.23 1.56 5.12
CA TYR A 175 -6.63 1.23 3.82
C TYR A 175 -7.45 0.18 3.09
N TYR A 176 -7.97 -0.80 3.84
CA TYR A 176 -8.75 -1.89 3.28
C TYR A 176 -10.22 -1.54 3.10
N THR A 177 -10.77 -0.78 4.04
CA THR A 177 -12.19 -0.48 4.04
C THR A 177 -12.57 0.72 3.16
N TYR A 178 -11.57 1.41 2.62
CA TYR A 178 -11.82 2.62 1.82
C TYR A 178 -12.96 2.48 0.81
N PHE A 179 -13.03 1.33 0.14
CA PHE A 179 -14.01 1.13 -0.92
C PHE A 179 -15.45 1.20 -0.42
N LEU A 180 -15.65 0.82 0.84
CA LEU A 180 -16.95 0.95 1.52
C LEU A 180 -17.34 2.42 1.68
N PHE A 181 -16.37 3.25 2.06
CA PHE A 181 -16.56 4.69 2.19
C PHE A 181 -16.76 5.36 0.82
N ALA A 182 -15.90 5.02 -0.13
CA ALA A 182 -16.00 5.57 -1.48
C ALA A 182 -17.35 5.25 -2.16
N ALA A 183 -17.86 4.05 -1.91
CA ALA A 183 -19.15 3.62 -2.46
C ALA A 183 -20.31 4.52 -2.01
N LYS A 184 -20.20 5.10 -0.83
CA LYS A 184 -21.25 5.92 -0.27
C LYS A 184 -21.11 7.40 -0.64
N GLY A 185 -20.04 7.73 -1.34
CA GLY A 185 -19.75 9.11 -1.75
C GLY A 185 -18.78 9.82 -0.84
N ALA A 186 -18.19 9.09 0.10
CA ALA A 186 -17.23 9.67 1.03
C ALA A 186 -15.84 9.82 0.42
N ALA A 187 -15.09 10.79 0.91
CA ALA A 187 -13.73 11.06 0.43
C ALA A 187 -12.83 11.45 1.59
N VAL A 188 -11.54 11.11 1.48
CA VAL A 188 -10.54 11.52 2.46
C VAL A 188 -10.48 13.05 2.49
N PHE A 189 -10.29 13.65 1.32
CA PHE A 189 -10.36 15.09 1.16
C PHE A 189 -11.39 15.44 0.10
N LYS A 190 -12.13 16.52 0.32
CA LYS A 190 -13.14 16.99 -0.62
C LYS A 190 -12.50 17.38 -1.94
N GLU A 191 -13.21 17.15 -3.04
CA GLU A 191 -12.66 17.39 -4.39
C GLU A 191 -13.26 18.62 -5.07
N GLN A 192 -12.38 19.49 -5.58
CA GLN A 192 -12.78 20.67 -6.36
C GLN A 192 -11.62 21.12 -7.25
N ASP A 193 -11.55 20.53 -8.45
CA ASP A 193 -10.52 20.83 -9.45
C ASP A 193 -9.09 20.70 -8.89
N GLY A 194 -8.58 19.48 -8.86
CA GLY A 194 -7.23 19.21 -8.35
C GLY A 194 -7.23 18.41 -7.06
N THR A 195 -6.14 17.67 -6.83
CA THR A 195 -6.00 16.83 -5.64
C THR A 195 -5.53 17.61 -4.40
N LEU A 196 -4.84 18.73 -4.64
CA LEU A 196 -4.31 19.56 -3.55
C LEU A 196 -5.44 20.17 -2.71
N ASP A 197 -5.63 19.63 -1.51
CA ASP A 197 -6.71 20.05 -0.64
C ASP A 197 -6.18 20.67 0.65
N PRO A 198 -6.48 21.97 0.87
CA PRO A 198 -5.93 22.78 1.96
C PRO A 198 -6.03 22.11 3.33
N ASN A 199 -7.24 21.81 3.79
CA ASN A 199 -7.47 20.95 4.98
C ASN A 199 -8.94 20.45 5.03
N GLU A 200 -9.62 20.37 3.88
CA GLU A 200 -11.02 19.95 3.84
C GLU A 200 -11.13 18.44 3.95
N ILE A 201 -10.94 17.92 5.17
CA ILE A 201 -11.16 16.50 5.45
C ILE A 201 -12.65 16.20 5.38
N GLY A 202 -13.00 15.10 4.70
CA GLY A 202 -14.41 14.70 4.54
C GLY A 202 -14.76 13.42 5.27
N LEU A 203 -13.92 13.03 6.23
CA LEU A 203 -14.04 11.72 6.89
C LEU A 203 -15.10 11.62 8.01
N ASN A 204 -15.81 12.71 8.27
CA ASN A 204 -16.99 12.65 9.14
C ASN A 204 -18.26 13.22 8.49
N SER A 205 -18.27 13.23 7.16
CA SER A 205 -19.47 13.56 6.41
C SER A 205 -20.53 12.48 6.63
N PRO A 206 -21.82 12.84 6.46
CA PRO A 206 -22.89 11.82 6.49
C PRO A 206 -22.57 10.56 5.67
N GLU A 207 -22.01 10.73 4.48
CA GLU A 207 -21.63 9.59 3.62
C GLU A 207 -20.50 8.76 4.22
N ALA A 208 -19.61 9.40 4.96
CA ALA A 208 -18.52 8.70 5.65
C ALA A 208 -19.05 7.83 6.78
N VAL A 209 -20.11 8.29 7.43
CA VAL A 209 -20.77 7.52 8.49
C VAL A 209 -21.44 6.29 7.88
N GLN A 210 -22.03 6.48 6.70
CA GLN A 210 -22.60 5.38 5.92
C GLN A 210 -21.56 4.29 5.65
N GLY A 211 -20.36 4.71 5.25
CA GLY A 211 -19.24 3.78 5.03
C GLY A 211 -18.86 3.04 6.31
N MET A 212 -18.79 3.78 7.42
CA MET A 212 -18.42 3.19 8.71
C MET A 212 -19.53 2.27 9.25
N ASN A 213 -20.78 2.58 8.90
CA ASN A 213 -21.91 1.69 9.14
C ASN A 213 -21.70 0.32 8.51
N GLU A 214 -21.16 0.30 7.29
CA GLU A 214 -20.87 -0.94 6.59
C GLU A 214 -19.74 -1.73 7.26
N VAL A 215 -18.72 -1.00 7.75
CA VAL A 215 -17.61 -1.59 8.50
C VAL A 215 -18.13 -2.31 9.75
N GLN A 216 -19.01 -1.64 10.49
CA GLN A 216 -19.64 -2.19 11.68
C GLN A 216 -20.34 -3.52 11.37
N LYS A 217 -21.06 -3.56 10.24
CA LYS A 217 -21.81 -4.75 9.81
C LYS A 217 -20.94 -5.99 9.64
N TRP A 218 -19.68 -5.78 9.23
CA TRP A 218 -18.74 -6.90 9.07
C TRP A 218 -18.41 -7.58 10.40
N PHE A 219 -18.48 -6.81 11.50
CA PHE A 219 -18.24 -7.34 12.84
C PHE A 219 -19.51 -7.80 13.54
N THR A 220 -20.65 -7.19 13.19
CA THR A 220 -21.94 -7.54 13.81
C THR A 220 -22.65 -8.67 13.06
N GLU A 221 -22.77 -8.55 11.74
CA GLU A 221 -23.44 -9.55 10.91
C GLU A 221 -22.51 -10.66 10.44
N ALA A 222 -21.39 -10.29 9.83
CA ALA A 222 -20.45 -11.25 9.25
C ALA A 222 -19.48 -11.87 10.26
N ARG A 223 -19.56 -11.43 11.52
CA ARG A 223 -18.81 -12.02 12.64
C ARG A 223 -17.29 -12.08 12.45
N LEU A 224 -16.71 -10.97 12.00
CA LEU A 224 -15.25 -10.88 11.85
C LEU A 224 -14.57 -10.73 13.19
N PRO A 225 -13.40 -11.40 13.36
CA PRO A 225 -12.62 -11.36 14.61
C PRO A 225 -12.31 -9.95 15.10
N GLN A 226 -12.19 -9.81 16.43
CA GLN A 226 -11.83 -8.56 17.06
C GLN A 226 -10.33 -8.33 17.00
N SER A 227 -9.93 -7.06 16.98
CA SER A 227 -8.52 -6.65 16.87
C SER A 227 -7.76 -7.44 15.80
N LEU A 228 -8.22 -7.29 14.56
CA LEU A 228 -7.62 -7.97 13.42
C LEU A 228 -6.28 -7.38 13.00
N LYS A 229 -5.45 -8.23 12.42
CA LYS A 229 -4.19 -7.82 11.83
C LYS A 229 -3.85 -8.72 10.64
N ALA A 230 -2.92 -8.27 9.80
CA ALA A 230 -2.52 -8.99 8.60
C ALA A 230 -2.22 -10.46 8.85
N ASP A 231 -1.49 -10.74 9.94
CA ASP A 231 -1.07 -12.11 10.27
C ASP A 231 -2.22 -13.07 10.51
N THR A 232 -3.31 -12.54 11.08
CA THR A 232 -4.53 -13.32 11.29
C THR A 232 -5.18 -13.64 9.96
N VAL A 233 -5.33 -12.61 9.12
CA VAL A 233 -5.92 -12.76 7.79
C VAL A 233 -5.10 -13.73 6.93
N ASN A 234 -3.79 -13.47 6.81
CA ASN A 234 -2.89 -14.30 6.02
C ASN A 234 -2.77 -15.73 6.55
N GLY A 235 -2.56 -15.87 7.86
CA GLY A 235 -2.39 -17.17 8.48
C GLY A 235 -3.57 -18.10 8.25
N LEU A 236 -4.77 -17.57 8.44
CA LEU A 236 -6.00 -18.35 8.28
C LEU A 236 -6.28 -18.71 6.82
N PHE A 237 -5.90 -17.82 5.90
CA PHE A 237 -6.03 -18.11 4.48
C PHE A 237 -5.04 -19.18 4.04
N LYS A 238 -3.78 -19.05 4.49
CA LYS A 238 -2.73 -20.02 4.17
C LYS A 238 -3.02 -21.39 4.75
N SER A 239 -3.78 -21.44 5.84
CA SER A 239 -4.17 -22.71 6.48
C SER A 239 -5.33 -23.42 5.77
N GLY A 240 -5.91 -22.75 4.79
CA GLY A 240 -7.03 -23.32 4.01
C GLY A 240 -8.40 -23.15 4.67
N LYS A 241 -8.47 -22.28 5.67
CA LYS A 241 -9.70 -22.11 6.45
C LYS A 241 -10.57 -20.95 5.95
N VAL A 242 -10.06 -20.20 4.98
CA VAL A 242 -10.73 -19.00 4.47
C VAL A 242 -10.93 -19.07 2.96
N ALA A 243 -12.18 -18.91 2.51
CA ALA A 243 -12.52 -18.99 1.09
C ALA A 243 -12.01 -17.79 0.29
N ALA A 244 -12.20 -16.59 0.84
CA ALA A 244 -11.76 -15.37 0.17
C ALA A 244 -11.29 -14.31 1.16
N VAL A 245 -10.31 -13.53 0.73
CA VAL A 245 -9.80 -12.39 1.50
C VAL A 245 -9.78 -11.16 0.60
N ILE A 246 -9.63 -9.98 1.20
CA ILE A 246 -9.34 -8.78 0.44
C ILE A 246 -7.90 -8.41 0.76
N ASN A 247 -7.04 -8.50 -0.25
CA ASN A 247 -5.63 -8.23 -0.06
C ASN A 247 -4.96 -7.90 -1.39
N GLY A 248 -3.68 -7.53 -1.33
CA GLY A 248 -2.97 -7.04 -2.51
C GLY A 248 -1.96 -8.01 -3.07
N PRO A 249 -1.29 -7.62 -4.18
CA PRO A 249 -0.35 -8.50 -4.88
C PRO A 249 0.83 -8.98 -4.03
N TRP A 250 1.13 -8.22 -2.97
CA TRP A 250 2.21 -8.52 -2.05
C TRP A 250 2.00 -9.83 -1.28
N ALA A 251 0.77 -10.34 -1.30
CA ALA A 251 0.42 -11.55 -0.56
C ALA A 251 0.54 -12.83 -1.37
N ILE A 252 0.65 -12.70 -2.70
CA ILE A 252 0.51 -13.84 -3.61
C ILE A 252 1.55 -14.95 -3.44
N LYS A 253 2.82 -14.58 -3.36
CA LYS A 253 3.91 -15.55 -3.22
C LYS A 253 3.79 -16.36 -1.94
N ASP A 254 3.39 -15.67 -0.87
CA ASP A 254 3.19 -16.26 0.45
C ASP A 254 2.07 -17.30 0.42
N TYR A 255 0.96 -16.94 -0.22
CA TYR A 255 -0.19 -17.83 -0.38
C TYR A 255 0.11 -19.03 -1.27
N GLN A 256 0.82 -18.79 -2.37
CA GLN A 256 1.18 -19.87 -3.29
C GLN A 256 2.15 -20.88 -2.69
N ALA A 257 3.08 -20.39 -1.86
CA ALA A 257 4.04 -21.24 -1.17
C ALA A 257 3.35 -22.04 -0.06
N ALA A 258 2.16 -21.58 0.32
CA ALA A 258 1.31 -22.28 1.28
C ALA A 258 0.36 -23.27 0.57
N GLY A 259 0.54 -23.42 -0.73
CA GLY A 259 -0.20 -24.41 -1.51
C GLY A 259 -1.59 -24.00 -1.94
N ILE A 260 -1.94 -22.74 -1.71
CA ILE A 260 -3.26 -22.24 -2.09
C ILE A 260 -3.34 -22.00 -3.61
N ASN A 261 -4.29 -22.69 -4.25
CA ASN A 261 -4.65 -22.44 -5.64
C ASN A 261 -5.42 -21.12 -5.68
N VAL A 262 -4.70 -20.03 -5.92
CA VAL A 262 -5.24 -18.70 -5.77
C VAL A 262 -5.90 -18.16 -7.05
N GLY A 263 -7.06 -17.54 -6.86
CA GLY A 263 -7.71 -16.77 -7.91
C GLY A 263 -7.79 -15.31 -7.47
N VAL A 264 -7.75 -14.39 -8.43
CA VAL A 264 -7.86 -12.97 -8.12
C VAL A 264 -8.91 -12.32 -9.02
N ALA A 265 -9.85 -11.62 -8.41
CA ALA A 265 -10.89 -10.91 -9.13
C ALA A 265 -11.06 -9.51 -8.56
N PRO A 266 -11.51 -8.54 -9.39
CA PRO A 266 -11.88 -7.24 -8.81
C PRO A 266 -12.94 -7.42 -7.74
N LEU A 267 -13.02 -6.49 -6.79
CA LEU A 267 -14.02 -6.58 -5.73
C LEU A 267 -15.41 -6.54 -6.37
N PRO A 268 -16.33 -7.40 -5.90
CA PRO A 268 -17.69 -7.39 -6.45
C PRO A 268 -18.32 -6.00 -6.35
N LYS A 269 -18.99 -5.58 -7.41
CA LYS A 269 -19.64 -4.26 -7.47
C LYS A 269 -20.43 -3.97 -6.20
N ILE A 270 -20.28 -2.74 -5.70
CA ILE A 270 -20.95 -2.29 -4.50
C ILE A 270 -21.88 -1.13 -4.85
N ASP A 271 -23.16 -1.27 -4.45
CA ASP A 271 -24.22 -0.35 -4.89
C ASP A 271 -24.27 -0.22 -6.42
N GLY A 272 -23.89 -1.30 -7.10
CA GLY A 272 -23.91 -1.36 -8.55
C GLY A 272 -22.75 -0.69 -9.27
N LYS A 273 -21.85 -0.07 -8.53
CA LYS A 273 -20.69 0.58 -9.16
C LYS A 273 -19.38 -0.14 -8.85
N ASP A 274 -18.38 0.09 -9.69
CA ASP A 274 -17.03 -0.43 -9.48
C ASP A 274 -16.56 -0.01 -8.10
N ALA A 275 -15.91 -0.93 -7.38
CA ALA A 275 -15.33 -0.60 -6.09
C ALA A 275 -14.15 0.35 -6.29
N GLN A 276 -14.17 1.46 -5.57
CA GLN A 276 -13.06 2.41 -5.61
C GLN A 276 -12.08 2.15 -4.48
N THR A 277 -11.08 1.34 -4.78
CA THR A 277 -10.03 1.03 -3.82
C THR A 277 -8.92 2.07 -3.92
N PHE A 278 -8.05 2.11 -2.93
CA PHE A 278 -6.84 2.94 -3.01
C PHE A 278 -5.85 2.32 -3.98
N ILE A 279 -5.15 3.16 -4.74
CA ILE A 279 -3.98 2.73 -5.50
C ILE A 279 -2.74 3.21 -4.74
N GLY A 280 -1.80 2.30 -4.55
CA GLY A 280 -0.54 2.62 -3.88
C GLY A 280 0.65 2.49 -4.81
N VAL A 281 1.58 3.43 -4.71
CA VAL A 281 2.84 3.36 -5.42
C VAL A 281 3.99 3.29 -4.42
N LYS A 282 4.82 2.26 -4.57
CA LYS A 282 6.02 2.12 -3.75
C LYS A 282 7.24 2.44 -4.59
N GLY A 283 8.00 3.43 -4.15
CA GLY A 283 9.21 3.83 -4.85
C GLY A 283 10.45 3.79 -3.98
N TRP A 284 11.60 3.93 -4.62
CA TRP A 284 12.83 4.22 -3.90
C TRP A 284 12.91 5.72 -3.74
N TYR A 285 13.24 6.18 -2.54
CA TYR A 285 13.44 7.60 -2.30
C TYR A 285 14.87 7.84 -1.88
N LEU A 286 15.33 9.09 -2.04
CA LEU A 286 16.69 9.45 -1.68
C LEU A 286 16.64 10.35 -0.46
N SER A 287 17.27 9.88 0.63
CA SER A 287 17.34 10.61 1.88
C SER A 287 17.99 11.97 1.69
N ALA A 288 17.42 12.99 2.34
CA ALA A 288 17.97 14.34 2.31
C ALA A 288 19.29 14.42 3.08
N TYR A 289 19.64 13.32 3.76
CA TYR A 289 20.83 13.26 4.60
C TYR A 289 21.89 12.33 4.03
N SER A 290 21.62 11.78 2.85
CA SER A 290 22.58 10.94 2.13
C SER A 290 23.84 11.74 1.83
N LYS A 291 25.00 11.17 2.17
CA LYS A 291 26.29 11.79 1.91
C LYS A 291 26.74 11.55 0.48
N TYR A 292 26.05 10.64 -0.21
CA TYR A 292 26.41 10.26 -1.58
C TYR A 292 25.18 10.24 -2.51
N PRO A 293 24.55 11.41 -2.73
CA PRO A 293 23.32 11.44 -3.54
C PRO A 293 23.57 11.08 -5.00
N LYS A 294 24.76 11.39 -5.51
CA LYS A 294 25.14 11.06 -6.88
C LYS A 294 25.18 9.55 -7.09
N TYR A 295 25.94 8.85 -6.25
CA TYR A 295 26.08 7.39 -6.34
C TYR A 295 24.79 6.65 -5.98
N ALA A 296 24.07 7.16 -4.99
CA ALA A 296 22.81 6.56 -4.54
C ALA A 296 21.73 6.64 -5.61
N THR A 297 21.70 7.75 -6.36
CA THR A 297 20.76 7.90 -7.47
C THR A 297 21.11 6.95 -8.61
N GLU A 298 22.41 6.77 -8.86
CA GLU A 298 22.89 5.78 -9.82
C GLU A 298 22.39 4.39 -9.43
N LEU A 299 22.50 4.08 -8.14
CA LEU A 299 21.98 2.82 -7.59
C LEU A 299 20.45 2.72 -7.75
N MET A 300 19.75 3.83 -7.48
CA MET A 300 18.29 3.87 -7.63
C MET A 300 17.86 3.53 -9.06
N GLN A 301 18.55 4.12 -10.05
CA GLN A 301 18.28 3.83 -11.46
C GLN A 301 18.55 2.38 -11.80
N PHE A 302 19.63 1.84 -11.25
CA PHE A 302 20.01 0.44 -11.46
C PHE A 302 18.97 -0.51 -10.88
N LEU A 303 18.46 -0.19 -9.69
CA LEU A 303 17.47 -1.03 -9.00
C LEU A 303 16.08 -0.99 -9.64
N THR A 304 15.84 0.00 -10.51
CA THR A 304 14.53 0.17 -11.16
C THR A 304 14.61 0.09 -12.68
N SER A 305 15.69 -0.51 -13.17
CA SER A 305 15.85 -0.76 -14.60
C SER A 305 14.83 -1.81 -15.06
N LYS A 306 14.59 -1.87 -16.36
CA LYS A 306 13.68 -2.86 -16.94
C LYS A 306 14.03 -4.28 -16.48
N GLU A 307 15.31 -4.62 -16.57
CA GLU A 307 15.81 -5.94 -16.21
C GLU A 307 15.65 -6.23 -14.72
N ALA A 308 15.95 -5.23 -13.90
CA ALA A 308 15.84 -5.36 -12.45
C ALA A 308 14.38 -5.55 -12.04
N LEU A 309 13.50 -4.75 -12.64
CA LEU A 309 12.08 -4.79 -12.30
C LEU A 309 11.34 -6.00 -12.85
N ALA A 310 11.85 -6.57 -13.94
CA ALA A 310 11.30 -7.82 -14.48
C ALA A 310 11.59 -8.95 -13.51
N SER A 311 12.81 -8.95 -12.97
CA SER A 311 13.24 -9.91 -11.95
C SER A 311 12.46 -9.69 -10.66
N ARG A 312 12.28 -8.43 -10.28
CA ARG A 312 11.50 -8.09 -9.08
C ARG A 312 10.08 -8.64 -9.14
N PHE A 313 9.42 -8.50 -10.28
CA PHE A 313 8.06 -9.04 -10.41
C PHE A 313 8.06 -10.56 -10.26
N LYS A 314 8.98 -11.22 -10.94
CA LYS A 314 9.04 -12.69 -10.89
C LYS A 314 9.21 -13.22 -9.48
N GLU A 315 10.06 -12.56 -8.70
CA GLU A 315 10.35 -13.03 -7.35
C GLU A 315 9.32 -12.57 -6.31
N THR A 316 8.97 -11.29 -6.34
CA THR A 316 8.13 -10.67 -5.30
C THR A 316 6.63 -10.69 -5.61
N GLY A 317 6.29 -10.81 -6.90
CA GLY A 317 4.90 -10.79 -7.33
C GLY A 317 4.31 -9.40 -7.44
N GLU A 318 5.11 -8.38 -7.14
CA GLU A 318 4.67 -6.98 -7.17
C GLU A 318 4.80 -6.38 -8.56
N ILE A 319 3.73 -5.74 -9.01
CA ILE A 319 3.62 -5.24 -10.37
C ILE A 319 4.44 -3.96 -10.57
N PRO A 320 5.47 -4.02 -11.42
CA PRO A 320 6.30 -2.85 -11.70
C PRO A 320 5.62 -1.89 -12.67
N PRO A 321 5.44 -0.62 -12.27
CA PRO A 321 4.79 0.38 -13.13
C PRO A 321 5.75 0.90 -14.18
N GLN A 322 6.39 -0.03 -14.89
CA GLN A 322 7.31 0.28 -15.96
C GLN A 322 6.55 0.02 -17.25
N LYS A 323 6.55 0.99 -18.15
CA LYS A 323 5.67 0.98 -19.33
C LYS A 323 5.68 -0.33 -20.11
N GLU A 324 6.88 -0.80 -20.46
CA GLU A 324 7.04 -2.02 -21.23
C GLU A 324 6.66 -3.28 -20.44
N LEU A 325 7.06 -3.33 -19.18
CA LEU A 325 6.76 -4.49 -18.33
C LEU A 325 5.26 -4.64 -18.07
N LEU A 326 4.55 -3.52 -17.95
CA LEU A 326 3.10 -3.52 -17.73
C LEU A 326 2.33 -4.21 -18.85
N ASN A 327 2.88 -4.18 -20.06
CA ASN A 327 2.28 -4.89 -21.20
C ASN A 327 3.01 -6.18 -21.56
N ASP A 328 3.94 -6.58 -20.69
CA ASP A 328 4.66 -7.85 -20.82
C ASP A 328 3.73 -9.01 -20.41
N PRO A 329 3.67 -10.08 -21.24
CA PRO A 329 2.83 -11.26 -21.02
C PRO A 329 2.77 -11.81 -19.59
N MET A 330 3.90 -11.86 -18.90
CA MET A 330 3.93 -12.39 -17.53
C MET A 330 3.11 -11.54 -16.55
N ILE A 331 2.82 -10.29 -16.95
CA ILE A 331 2.07 -9.36 -16.11
C ILE A 331 0.67 -9.11 -16.66
N LYS A 332 0.57 -8.71 -17.93
CA LYS A 332 -0.72 -8.34 -18.52
C LYS A 332 -1.59 -9.56 -18.84
N ASN A 333 -0.97 -10.70 -19.07
CA ASN A 333 -1.68 -11.90 -19.50
C ASN A 333 -1.68 -13.02 -18.46
N ASN A 334 -1.35 -12.67 -17.22
CA ASN A 334 -1.40 -13.57 -16.08
C ASN A 334 -2.70 -13.31 -15.30
N PRO A 335 -3.65 -14.28 -15.33
CA PRO A 335 -4.97 -14.16 -14.71
C PRO A 335 -4.95 -13.70 -13.24
N VAL A 336 -3.92 -14.14 -12.50
CA VAL A 336 -3.76 -13.75 -11.10
C VAL A 336 -3.41 -12.26 -11.01
N VAL A 337 -2.40 -11.86 -11.77
CA VAL A 337 -1.98 -10.46 -11.83
C VAL A 337 -3.07 -9.58 -12.47
N ASN A 338 -3.73 -10.11 -13.50
CA ASN A 338 -4.81 -9.42 -14.21
C ASN A 338 -5.94 -8.92 -13.30
N GLY A 339 -6.32 -9.75 -12.31
CA GLY A 339 -7.34 -9.38 -11.33
C GLY A 339 -7.00 -8.13 -10.54
N PHE A 340 -5.74 -8.02 -10.12
CA PHE A 340 -5.27 -6.82 -9.42
C PHE A 340 -5.25 -5.60 -10.34
N ALA A 341 -4.80 -5.80 -11.58
CA ALA A 341 -4.71 -4.74 -12.58
C ALA A 341 -6.08 -4.13 -12.88
N LYS A 342 -7.07 -4.99 -13.09
CA LYS A 342 -8.45 -4.56 -13.34
C LYS A 342 -9.02 -3.76 -12.18
N GLN A 343 -8.78 -4.24 -10.95
CA GLN A 343 -9.26 -3.55 -9.76
C GLN A 343 -8.61 -2.18 -9.62
N ALA A 344 -7.29 -2.13 -9.85
CA ALA A 344 -6.53 -0.89 -9.75
C ALA A 344 -6.98 0.15 -10.78
N SER A 345 -7.49 -0.32 -11.91
CA SER A 345 -7.98 0.56 -12.98
C SER A 345 -9.25 1.31 -12.56
N LYS A 346 -9.88 0.85 -11.47
CA LYS A 346 -11.11 1.45 -10.95
C LYS A 346 -10.86 2.22 -9.66
N GLY A 347 -9.60 2.23 -9.22
CA GLY A 347 -9.24 2.85 -7.95
C GLY A 347 -8.78 4.29 -8.08
N VAL A 348 -8.39 4.86 -6.96
CA VAL A 348 -7.87 6.22 -6.91
C VAL A 348 -6.55 6.21 -6.16
N PRO A 349 -5.53 6.95 -6.67
CA PRO A 349 -4.30 7.02 -5.89
C PRO A 349 -4.56 7.62 -4.51
N MET A 350 -3.90 7.08 -3.50
CA MET A 350 -3.95 7.67 -2.16
C MET A 350 -3.50 9.12 -2.24
N PRO A 351 -4.21 10.02 -1.53
CA PRO A 351 -3.68 11.39 -1.40
C PRO A 351 -2.25 11.37 -0.87
N SER A 352 -1.44 12.33 -1.31
CA SER A 352 -0.06 12.40 -0.87
C SER A 352 0.30 13.76 -0.28
N ILE A 353 -0.71 14.61 -0.08
CA ILE A 353 -0.49 15.90 0.58
C ILE A 353 -0.04 15.70 2.04
N PRO A 354 0.70 16.67 2.61
CA PRO A 354 1.22 16.54 3.98
C PRO A 354 0.16 16.17 5.02
N GLU A 355 -1.06 16.70 4.88
CA GLU A 355 -2.12 16.41 5.85
C GLU A 355 -2.54 14.94 5.90
N MET A 356 -2.13 14.15 4.90
CA MET A 356 -2.38 12.72 4.89
C MET A 356 -1.63 12.01 6.04
N GLY A 357 -0.54 12.63 6.50
CA GLY A 357 0.25 12.13 7.62
C GLY A 357 -0.36 12.40 9.00
N VAL A 358 -1.64 12.75 9.00
CA VAL A 358 -2.40 12.93 10.24
C VAL A 358 -3.63 12.01 10.25
N VAL A 359 -3.97 11.49 9.07
CA VAL A 359 -5.21 10.75 8.84
C VAL A 359 -5.23 9.34 9.44
N TRP A 360 -4.18 8.57 9.19
CA TRP A 360 -4.19 7.11 9.43
C TRP A 360 -4.44 6.65 10.86
N GLU A 361 -3.72 7.21 11.82
CA GLU A 361 -3.87 6.77 13.21
C GLU A 361 -5.30 7.01 13.76
N PRO A 362 -5.80 8.25 13.71
CA PRO A 362 -7.18 8.48 14.18
C PRO A 362 -8.26 7.71 13.41
N ILE A 363 -8.14 7.60 12.08
CA ILE A 363 -9.13 6.85 11.32
C ILE A 363 -9.12 5.35 11.67
N ASN A 364 -7.92 4.78 11.81
CA ASN A 364 -7.80 3.37 12.19
C ASN A 364 -8.27 3.14 13.63
N ASN A 365 -7.98 4.09 14.52
CA ASN A 365 -8.50 4.07 15.88
C ASN A 365 -10.02 4.08 15.90
N ALA A 366 -10.61 4.89 15.01
CA ALA A 366 -12.06 4.96 14.85
C ALA A 366 -12.64 3.60 14.49
N HIS A 367 -12.00 2.91 13.53
CA HIS A 367 -12.39 1.55 13.14
C HIS A 367 -12.36 0.60 14.34
N THR A 368 -11.31 0.69 15.16
CA THR A 368 -11.15 -0.17 16.33
C THR A 368 -12.28 0.04 17.36
N PHE A 369 -12.57 1.30 17.67
CA PHE A 369 -13.67 1.63 18.59
C PHE A 369 -15.01 1.09 18.10
N VAL A 370 -15.23 1.16 16.79
CA VAL A 370 -16.45 0.65 16.18
C VAL A 370 -16.51 -0.88 16.24
N ALA A 371 -15.43 -1.53 15.81
CA ALA A 371 -15.30 -2.99 15.82
C ALA A 371 -15.50 -3.58 17.21
N GLN A 372 -14.92 -2.92 18.21
CA GLN A 372 -14.97 -3.39 19.60
C GLN A 372 -16.27 -3.02 20.31
N GLY A 373 -17.16 -2.35 19.58
CA GLY A 373 -18.48 -1.97 20.10
C GLY A 373 -18.40 -0.96 21.23
N LYS A 374 -17.41 -0.07 21.15
CA LYS A 374 -17.14 0.92 22.20
C LYS A 374 -17.70 2.29 21.83
N GLN A 375 -17.70 2.58 20.53
CA GLN A 375 -18.22 3.85 20.00
C GLN A 375 -18.98 3.60 18.71
N THR A 376 -20.00 4.41 18.48
CA THR A 376 -20.77 4.34 17.23
C THR A 376 -19.97 4.96 16.09
N PRO A 377 -20.29 4.57 14.83
CA PRO A 377 -19.67 5.17 13.65
C PRO A 377 -19.65 6.70 13.68
N GLU A 378 -20.76 7.31 14.08
CA GLU A 378 -20.85 8.77 14.18
C GLU A 378 -19.89 9.33 15.22
N GLN A 379 -19.89 8.77 16.42
CA GLN A 379 -19.05 9.27 17.49
C GLN A 379 -17.57 9.06 17.17
N ALA A 380 -17.24 7.89 16.64
CA ALA A 380 -15.86 7.55 16.29
C ALA A 380 -15.28 8.51 15.24
N LEU A 381 -16.05 8.75 14.18
CA LEU A 381 -15.59 9.57 13.06
C LEU A 381 -15.53 11.05 13.41
N ASN A 382 -16.52 11.52 14.15
CA ASN A 382 -16.53 12.90 14.66
C ASN A 382 -15.31 13.17 15.53
N ASP A 383 -15.00 12.24 16.43
CA ASP A 383 -13.81 12.34 17.28
C ASP A 383 -12.53 12.29 16.45
N ALA A 384 -12.51 11.43 15.42
CA ALA A 384 -11.32 11.21 14.61
C ALA A 384 -10.93 12.46 13.83
N VAL A 385 -11.93 13.09 13.20
CA VAL A 385 -11.70 14.28 12.37
C VAL A 385 -11.29 15.48 13.23
N LYS A 386 -11.89 15.58 14.42
CA LYS A 386 -11.49 16.62 15.38
C LYS A 386 -10.00 16.51 15.69
N ILE A 387 -9.56 15.27 15.95
CA ILE A 387 -8.16 14.97 16.24
C ILE A 387 -7.24 15.28 15.05
N MET A 388 -7.67 14.87 13.85
CA MET A 388 -6.94 15.18 12.62
C MET A 388 -6.71 16.68 12.47
N LYS A 389 -7.79 17.46 12.57
CA LYS A 389 -7.72 18.91 12.43
C LYS A 389 -6.78 19.53 13.46
N GLU A 390 -6.81 19.00 14.68
CA GLU A 390 -5.94 19.47 15.76
C GLU A 390 -4.46 19.25 15.45
N LYS A 391 -4.13 18.07 14.94
CA LYS A 391 -2.73 17.72 14.63
C LYS A 391 -2.18 18.50 13.45
N ILE A 392 -3.07 18.87 12.52
CA ILE A 392 -2.69 19.65 11.34
C ILE A 392 -2.27 21.07 11.71
N GLN A 393 -2.88 21.60 12.77
CA GLN A 393 -2.55 22.94 13.27
C GLN A 393 -1.20 23.02 14.01
N THR A 394 -0.37 21.99 13.81
CA THR A 394 1.00 21.96 14.34
C THR A 394 1.99 21.59 13.24
N MET A 395 1.50 21.50 12.01
CA MET A 395 2.32 21.14 10.85
C MET A 395 2.95 22.35 10.15
N LYS A 396 3.17 23.43 10.90
CA LYS A 396 3.70 24.67 10.32
C LYS A 396 4.80 25.30 11.19
N GLN A 397 5.65 26.09 10.53
CA GLN A 397 6.75 26.77 11.20
C GLN A 397 6.23 27.91 12.09
#